data_4MFK
#
_entry.id   4MFK
#
_cell.length_a   133.542
_cell.length_b   133.542
_cell.length_c   49.401
_cell.angle_alpha   90.00
_cell.angle_beta   90.00
_cell.angle_gamma   120.00
#
_symmetry.space_group_name_H-M   'P 65'
#
loop_
_entity.id
_entity.type
_entity.pdbx_description
1 polymer 'Putative uncharacterized protein tcp24'
2 non-polymer decanoyl-CoA
3 non-polymer 'SULFATE ION'
4 water water
#
_entity_poly.entity_id   1
_entity_poly.type   'polypeptide(L)'
_entity_poly.pdbx_seq_one_letter_code
;MGSSHHHHHHSSGLVPRGSHMMMDPETVRIALGLEERTAAWLTELDELGPPAEPVRLPRGEEARDLLRRLEVPELDAEEI
VAAAPDPDRDPALWWLLERTHHAIVRHMGDHRAKPRGGPPLPYEGGAAARYFHVYVFLATVPAVRRFHAERGIPDEVGWE
TLTQLGELVAIHRRKYGQGGMNMQWWTTYHLRGILYRLGRLQFSLATGKDGTPHLGLAVPEWGGPLLPKAYDESLHRARP
FFDRHFPEHGARVAWGSSWMLDPQLEEYLTEDSNIIQLARFWTLTDSAPEPGNADGDSSILEFVFRYNGQPLDELPQRSS
LERAVIAHLKAGRHWHMRTGFVKLP
;
_entity_poly.pdbx_strand_id   A
#
# COMPACT_ATOMS: atom_id res chain seq x y z
N MET A 23 -26.16 -16.27 3.67
CA MET A 23 -25.25 -17.21 2.95
C MET A 23 -24.28 -17.86 3.90
N ASP A 24 -23.73 -18.99 3.49
CA ASP A 24 -22.76 -19.66 4.36
C ASP A 24 -21.36 -19.51 3.76
N PRO A 25 -20.32 -19.40 4.61
CA PRO A 25 -18.97 -19.13 4.08
C PRO A 25 -18.45 -20.15 3.04
N GLU A 26 -18.80 -21.42 3.18
CA GLU A 26 -18.46 -22.42 2.16
C GLU A 26 -19.13 -22.14 0.81
N THR A 27 -20.36 -21.68 0.83
CA THR A 27 -21.09 -21.35 -0.41
C THR A 27 -20.46 -20.13 -1.10
N VAL A 28 -20.11 -19.13 -0.30
CA VAL A 28 -19.38 -17.94 -0.77
C VAL A 28 -18.05 -18.37 -1.39
N ARG A 29 -17.28 -19.17 -0.66
CA ARG A 29 -15.97 -19.61 -1.15
C ARG A 29 -16.06 -20.27 -2.51
N ILE A 30 -17.02 -21.20 -2.64
CA ILE A 30 -17.19 -21.98 -3.86
C ILE A 30 -17.70 -21.11 -5.02
N ALA A 31 -18.69 -20.27 -4.76
CA ALA A 31 -19.22 -19.36 -5.79
C ALA A 31 -18.14 -18.47 -6.38
N LEU A 32 -17.23 -17.98 -5.51
CA LEU A 32 -16.26 -16.97 -5.95
C LEU A 32 -15.01 -17.60 -6.50
N GLY A 33 -14.87 -18.92 -6.29
CA GLY A 33 -13.75 -19.67 -6.86
C GLY A 33 -12.53 -19.56 -5.96
N LEU A 34 -12.76 -19.25 -4.69
CA LEU A 34 -11.68 -19.05 -3.70
C LEU A 34 -11.07 -20.40 -3.25
N GLU A 35 -9.75 -20.44 -3.09
CA GLU A 35 -9.06 -21.70 -2.73
C GLU A 35 -9.43 -22.14 -1.30
N GLU A 36 -9.27 -23.44 -1.02
CA GLU A 36 -9.65 -24.00 0.27
C GLU A 36 -8.99 -23.30 1.46
N ARG A 37 -7.76 -22.81 1.26
CA ARG A 37 -7.03 -22.16 2.35
C ARG A 37 -7.69 -20.88 2.85
N THR A 38 -8.66 -20.34 2.09
CA THR A 38 -9.34 -19.11 2.49
C THR A 38 -10.50 -19.40 3.46
N ALA A 39 -10.80 -20.69 3.66
CA ALA A 39 -11.91 -21.10 4.53
C ALA A 39 -11.85 -20.48 5.92
N ALA A 40 -10.66 -20.49 6.53
CA ALA A 40 -10.49 -19.95 7.89
C ALA A 40 -10.85 -18.45 7.96
N TRP A 41 -10.37 -17.69 6.98
CA TRP A 41 -10.73 -16.26 6.86
C TRP A 41 -12.22 -16.07 6.72
N LEU A 42 -12.83 -16.86 5.85
CA LEU A 42 -14.25 -16.71 5.60
C LEU A 42 -15.09 -17.09 6.82
N THR A 43 -14.63 -18.07 7.59
CA THR A 43 -15.29 -18.41 8.86
C THR A 43 -15.16 -17.25 9.83
N GLU A 44 -13.95 -16.72 9.94
CA GLU A 44 -13.76 -15.53 10.78
C GLU A 44 -14.71 -14.41 10.36
N LEU A 45 -14.84 -14.16 9.05
CA LEU A 45 -15.75 -13.12 8.55
C LEU A 45 -17.21 -13.47 8.81
N ASP A 46 -17.53 -14.77 8.71
CA ASP A 46 -18.90 -15.19 9.04
C ASP A 46 -19.21 -14.86 10.50
N GLU A 47 -18.28 -15.17 11.40
CA GLU A 47 -18.55 -14.91 12.83
C GLU A 47 -18.58 -13.42 13.15
N LEU A 48 -17.74 -12.64 12.47
CA LEU A 48 -17.75 -11.19 12.60
C LEU A 48 -19.08 -10.58 12.18
N GLY A 49 -19.58 -11.01 11.03
CA GLY A 49 -20.88 -10.54 10.54
C GLY A 49 -20.85 -9.20 9.83
N PRO A 50 -22.04 -8.68 9.47
CA PRO A 50 -22.22 -7.41 8.75
C PRO A 50 -21.90 -6.23 9.66
N PRO A 51 -21.45 -5.10 9.07
CA PRO A 51 -21.14 -3.93 9.88
C PRO A 51 -22.41 -3.26 10.40
N ALA A 52 -22.33 -2.65 11.58
CA ALA A 52 -23.45 -1.90 12.13
C ALA A 52 -23.91 -0.81 11.16
N GLU A 53 -22.96 -0.09 10.57
CA GLU A 53 -23.28 0.83 9.49
C GLU A 53 -23.29 0.06 8.16
N PRO A 54 -24.48 -0.06 7.53
CA PRO A 54 -24.60 -0.86 6.30
C PRO A 54 -23.62 -0.37 5.21
N VAL A 55 -23.08 -1.29 4.43
CA VAL A 55 -22.18 -0.92 3.34
C VAL A 55 -22.96 -0.16 2.29
N ARG A 56 -22.42 0.99 1.87
CA ARG A 56 -23.00 1.78 0.81
C ARG A 56 -21.93 2.08 -0.25
N LEU A 57 -22.17 1.66 -1.49
CA LEU A 57 -21.29 2.13 -2.56
C LEU A 57 -21.87 3.38 -3.15
N PRO A 58 -21.01 4.38 -3.39
CA PRO A 58 -21.43 5.52 -4.20
C PRO A 58 -21.65 5.06 -5.65
N ARG A 59 -22.55 5.73 -6.36
CA ARG A 59 -22.85 5.30 -7.73
C ARG A 59 -22.91 6.55 -8.61
N GLY A 60 -22.86 6.37 -9.93
CA GLY A 60 -22.96 7.49 -10.86
C GLY A 60 -21.91 8.56 -10.68
N GLU A 61 -22.35 9.83 -10.75
CA GLU A 61 -21.42 10.95 -10.67
C GLU A 61 -20.84 11.13 -9.28
N GLU A 62 -21.57 10.67 -8.26
CA GLU A 62 -21.02 10.66 -6.91
C GLU A 62 -19.77 9.76 -6.89
N ALA A 63 -19.89 8.56 -7.48
CA ALA A 63 -18.76 7.63 -7.55
C ALA A 63 -17.62 8.20 -8.40
N ARG A 64 -17.96 8.83 -9.52
CA ARG A 64 -16.94 9.45 -10.37
C ARG A 64 -16.20 10.58 -9.65
N ASP A 65 -16.92 11.34 -8.84
CA ASP A 65 -16.31 12.43 -8.10
C ASP A 65 -15.31 11.91 -7.07
N LEU A 66 -15.72 10.87 -6.34
CA LEU A 66 -14.86 10.28 -5.32
C LEU A 66 -13.65 9.60 -5.97
N LEU A 67 -13.88 8.82 -7.02
CA LEU A 67 -12.76 8.20 -7.73
C LEU A 67 -11.74 9.24 -8.24
N ARG A 68 -12.24 10.39 -8.66
CA ARG A 68 -11.35 11.40 -9.22
C ARG A 68 -10.57 12.07 -8.07
N ARG A 69 -11.23 12.28 -6.94
CA ARG A 69 -10.57 12.81 -5.75
C ARG A 69 -9.46 11.86 -5.24
N LEU A 70 -9.66 10.56 -5.45
CA LEU A 70 -8.67 9.54 -5.09
C LEU A 70 -7.64 9.30 -6.22
N GLU A 71 -7.65 10.18 -7.24
CA GLU A 71 -6.69 10.11 -8.36
C GLU A 71 -6.68 8.78 -9.14
N VAL A 72 -7.83 8.08 -9.17
CA VAL A 72 -7.96 6.87 -9.99
C VAL A 72 -8.02 7.34 -11.46
N PRO A 73 -7.22 6.73 -12.37
CA PRO A 73 -7.27 7.16 -13.78
C PRO A 73 -8.71 7.07 -14.36
N GLU A 74 -9.05 7.99 -15.26
CA GLU A 74 -10.41 8.08 -15.83
C GLU A 74 -10.87 6.76 -16.44
N LEU A 75 -9.97 6.10 -17.15
CA LEU A 75 -10.31 4.81 -17.80
C LEU A 75 -10.79 3.82 -16.74
N ASP A 76 -9.97 3.62 -15.71
CA ASP A 76 -10.33 2.68 -14.63
C ASP A 76 -11.60 3.10 -13.90
N ALA A 77 -11.72 4.40 -13.60
CA ALA A 77 -12.86 4.90 -12.82
C ALA A 77 -14.18 4.59 -13.52
N GLU A 78 -14.16 4.74 -14.85
CA GLU A 78 -15.34 4.57 -15.67
C GLU A 78 -15.75 3.11 -15.57
N GLU A 79 -14.75 2.23 -15.64
CA GLU A 79 -14.98 0.79 -15.55
C GLU A 79 -15.45 0.36 -14.17
N ILE A 80 -14.88 0.96 -13.14
CA ILE A 80 -15.29 0.68 -11.76
C ILE A 80 -16.77 1.03 -11.52
N VAL A 81 -17.17 2.20 -11.99
N VAL A 81 -17.17 2.20 -11.99
CA VAL A 81 -18.55 2.64 -11.79
CA VAL A 81 -18.55 2.64 -11.79
C VAL A 81 -19.49 1.72 -12.56
C VAL A 81 -19.49 1.72 -12.57
N ALA A 82 -19.09 1.35 -13.78
CA ALA A 82 -19.95 0.53 -14.65
C ALA A 82 -20.20 -0.85 -14.04
N ALA A 83 -19.16 -1.40 -13.43
CA ALA A 83 -19.22 -2.77 -12.88
C ALA A 83 -19.65 -2.92 -11.45
N ALA A 84 -19.99 -1.82 -10.77
CA ALA A 84 -20.26 -1.89 -9.33
C ALA A 84 -21.30 -2.95 -9.02
N PRO A 85 -21.02 -3.80 -8.02
CA PRO A 85 -21.88 -4.94 -7.82
C PRO A 85 -23.18 -4.54 -7.11
N ASP A 86 -24.10 -5.49 -7.05
CA ASP A 86 -25.45 -5.29 -6.57
C ASP A 86 -25.72 -6.40 -5.53
N PRO A 87 -26.40 -6.10 -4.40
CA PRO A 87 -26.64 -7.18 -3.42
C PRO A 87 -27.51 -8.34 -3.93
N ASP A 88 -28.38 -8.08 -4.90
CA ASP A 88 -29.25 -9.15 -5.42
C ASP A 88 -28.60 -9.99 -6.51
N ARG A 89 -27.96 -9.34 -7.48
CA ARG A 89 -27.29 -10.08 -8.53
C ARG A 89 -25.93 -10.63 -8.13
N ASP A 90 -25.28 -10.02 -7.13
CA ASP A 90 -23.96 -10.48 -6.69
C ASP A 90 -23.95 -10.87 -5.20
N PRO A 91 -24.78 -11.85 -4.78
CA PRO A 91 -24.91 -12.07 -3.33
C PRO A 91 -23.64 -12.53 -2.61
N ALA A 92 -22.87 -13.40 -3.26
CA ALA A 92 -21.66 -13.94 -2.62
C ALA A 92 -20.63 -12.81 -2.51
N LEU A 93 -20.49 -12.03 -3.57
CA LEU A 93 -19.53 -10.94 -3.59
C LEU A 93 -19.95 -9.88 -2.55
N TRP A 94 -21.25 -9.61 -2.49
CA TRP A 94 -21.77 -8.61 -1.58
C TRP A 94 -21.55 -9.01 -0.14
N TRP A 95 -21.80 -10.29 0.15
CA TRP A 95 -21.58 -10.85 1.50
C TRP A 95 -20.16 -10.60 1.95
N LEU A 96 -19.21 -10.86 1.06
CA LEU A 96 -17.78 -10.68 1.32
C LEU A 96 -17.37 -9.19 1.44
N LEU A 97 -17.96 -8.35 0.60
CA LEU A 97 -17.74 -6.91 0.66
C LEU A 97 -18.12 -6.30 1.99
N GLU A 98 -19.30 -6.67 2.51
CA GLU A 98 -19.75 -6.16 3.81
C GLU A 98 -18.81 -6.56 4.94
N ARG A 99 -18.44 -7.84 4.95
CA ARG A 99 -17.66 -8.40 6.05
C ARG A 99 -16.18 -8.02 5.96
N THR A 100 -15.69 -7.82 4.75
CA THR A 100 -14.31 -7.37 4.54
C THR A 100 -14.19 -5.93 5.02
N HIS A 101 -15.14 -5.07 4.63
CA HIS A 101 -15.19 -3.72 5.17
C HIS A 101 -15.21 -3.74 6.70
N HIS A 102 -16.07 -4.59 7.24
CA HIS A 102 -16.19 -4.72 8.70
C HIS A 102 -14.89 -5.14 9.34
N ALA A 103 -14.19 -6.09 8.72
CA ALA A 103 -12.96 -6.63 9.25
C ALA A 103 -11.82 -5.59 9.26
N ILE A 104 -11.95 -4.56 8.42
CA ILE A 104 -11.00 -3.44 8.40
C ILE A 104 -11.38 -2.40 9.46
N VAL A 105 -12.64 -1.95 9.46
CA VAL A 105 -13.01 -0.83 10.36
C VAL A 105 -13.02 -1.21 11.84
N ARG A 106 -13.16 -2.49 12.14
CA ARG A 106 -13.06 -2.98 13.50
C ARG A 106 -11.66 -2.66 14.07
N HIS A 107 -10.67 -2.46 13.20
CA HIS A 107 -9.33 -2.07 13.64
C HIS A 107 -8.95 -0.64 13.35
N MET A 108 -9.96 0.22 13.16
CA MET A 108 -9.68 1.65 12.92
C MET A 108 -8.74 2.19 14.01
N GLY A 109 -7.67 2.85 13.58
CA GLY A 109 -6.67 3.44 14.48
C GLY A 109 -5.72 2.45 15.12
N ASP A 110 -5.88 1.17 14.83
CA ASP A 110 -5.11 0.16 15.56
C ASP A 110 -3.96 -0.41 14.71
N HIS A 111 -2.74 0.03 14.97
CA HIS A 111 -1.57 -0.40 14.18
C HIS A 111 -1.02 -1.70 14.69
N ARG A 112 -1.52 -2.17 15.83
CA ARG A 112 -1.07 -3.49 16.31
C ARG A 112 -1.74 -4.65 15.56
N ALA A 113 -2.86 -4.39 14.90
CA ALA A 113 -3.55 -5.42 14.13
C ALA A 113 -2.80 -5.72 12.83
N LYS A 114 -2.79 -6.97 12.39
CA LYS A 114 -2.10 -7.34 11.16
C LYS A 114 -2.91 -6.78 9.99
N PRO A 115 -2.24 -6.51 8.88
CA PRO A 115 -2.90 -5.84 7.75
C PRO A 115 -3.63 -6.85 6.85
N ARG A 116 -4.76 -7.37 7.32
CA ARG A 116 -5.47 -8.44 6.58
C ARG A 116 -6.60 -7.83 5.75
N GLY A 117 -6.40 -7.71 4.45
CA GLY A 117 -7.43 -7.12 3.55
C GLY A 117 -8.27 -8.17 2.84
N GLY A 118 -7.93 -9.43 3.04
CA GLY A 118 -8.66 -10.53 2.40
C GLY A 118 -7.99 -10.91 1.10
N PRO A 119 -8.37 -12.06 0.53
CA PRO A 119 -7.75 -12.57 -0.71
C PRO A 119 -8.16 -11.82 -1.97
N PRO A 120 -7.34 -11.86 -3.05
CA PRO A 120 -7.78 -11.35 -4.35
C PRO A 120 -8.90 -12.29 -4.87
N LEU A 121 -9.86 -11.77 -5.62
CA LEU A 121 -10.90 -12.64 -6.19
C LEU A 121 -10.48 -13.13 -7.59
N PRO A 122 -10.74 -14.41 -7.93
CA PRO A 122 -10.42 -14.91 -9.28
C PRO A 122 -11.08 -14.05 -10.38
N TYR A 123 -10.34 -13.74 -11.44
CA TYR A 123 -10.83 -12.78 -12.44
C TYR A 123 -11.92 -13.41 -13.34
N GLU A 124 -12.20 -14.69 -13.16
CA GLU A 124 -13.35 -15.33 -13.85
C GLU A 124 -14.66 -14.66 -13.43
N GLY A 125 -14.65 -13.97 -12.27
CA GLY A 125 -15.81 -13.15 -11.83
C GLY A 125 -15.93 -11.76 -12.46
N GLY A 126 -15.06 -11.47 -13.41
CA GLY A 126 -15.22 -10.28 -14.20
C GLY A 126 -14.76 -9.01 -13.49
N ALA A 127 -15.25 -7.88 -13.97
CA ALA A 127 -14.82 -6.57 -13.47
C ALA A 127 -15.16 -6.39 -11.99
N ALA A 128 -16.32 -6.88 -11.54
CA ALA A 128 -16.69 -6.76 -10.11
C ALA A 128 -15.64 -7.45 -9.22
N ALA A 129 -15.18 -8.61 -9.68
CA ALA A 129 -14.15 -9.36 -8.99
C ALA A 129 -12.82 -8.65 -9.08
N ARG A 130 -12.44 -8.19 -10.28
CA ARG A 130 -11.14 -7.49 -10.44
C ARG A 130 -11.04 -6.24 -9.54
N TYR A 131 -12.15 -5.51 -9.44
CA TYR A 131 -12.19 -4.25 -8.69
C TYR A 131 -12.72 -4.42 -7.27
N PHE A 132 -12.87 -5.66 -6.81
CA PHE A 132 -13.44 -5.92 -5.51
C PHE A 132 -12.87 -5.02 -4.41
N HIS A 133 -11.55 -5.00 -4.30
CA HIS A 133 -10.94 -4.20 -3.23
C HIS A 133 -11.01 -2.72 -3.42
N VAL A 134 -11.27 -2.28 -4.67
CA VAL A 134 -11.61 -0.88 -4.87
C VAL A 134 -12.99 -0.61 -4.24
N TYR A 135 -13.95 -1.51 -4.43
CA TYR A 135 -15.26 -1.29 -3.79
C TYR A 135 -15.10 -1.30 -2.26
N VAL A 136 -14.26 -2.19 -1.75
CA VAL A 136 -13.96 -2.20 -0.30
C VAL A 136 -13.46 -0.81 0.14
N PHE A 137 -12.48 -0.28 -0.58
CA PHE A 137 -11.92 1.05 -0.28
C PHE A 137 -13.00 2.14 -0.32
N LEU A 138 -13.78 2.19 -1.42
CA LEU A 138 -14.86 3.21 -1.53
C LEU A 138 -15.88 3.12 -0.37
N ALA A 139 -16.26 1.91 -0.01
CA ALA A 139 -17.24 1.70 1.08
C ALA A 139 -16.70 2.12 2.44
N THR A 140 -15.39 2.15 2.54
CA THR A 140 -14.66 2.45 3.81
C THR A 140 -14.21 3.91 3.91
N VAL A 141 -14.27 4.65 2.81
CA VAL A 141 -13.85 6.07 2.85
C VAL A 141 -14.61 6.88 3.93
N PRO A 142 -15.96 6.71 4.07
CA PRO A 142 -16.63 7.53 5.07
C PRO A 142 -16.13 7.23 6.49
N ALA A 143 -15.92 5.96 6.82
CA ALA A 143 -15.44 5.62 8.16
C ALA A 143 -14.04 6.22 8.44
N VAL A 144 -13.12 6.09 7.50
CA VAL A 144 -11.76 6.60 7.78
C VAL A 144 -11.79 8.13 7.76
N ARG A 145 -12.61 8.75 6.93
CA ARG A 145 -12.66 10.22 6.96
C ARG A 145 -13.22 10.74 8.30
N ARG A 146 -14.13 9.98 8.90
CA ARG A 146 -14.65 10.30 10.25
C ARG A 146 -13.54 10.20 11.29
N PHE A 147 -12.72 9.15 11.16
CA PHE A 147 -11.60 8.98 12.06
C PHE A 147 -10.61 10.14 11.91
N HIS A 148 -10.29 10.51 10.66
CA HIS A 148 -9.45 11.70 10.38
C HIS A 148 -9.99 12.93 11.08
N ALA A 149 -11.30 13.17 10.93
CA ALA A 149 -11.92 14.34 11.60
C ALA A 149 -11.79 14.28 13.12
N GLU A 150 -12.02 13.10 13.70
CA GLU A 150 -11.93 12.89 15.15
C GLU A 150 -10.51 13.15 15.65
N ARG A 151 -9.52 12.80 14.83
CA ARG A 151 -8.14 13.03 15.18
C ARG A 151 -7.65 14.44 14.82
N GLY A 152 -8.50 15.26 14.25
CA GLY A 152 -8.10 16.62 13.88
C GLY A 152 -7.17 16.71 12.68
N ILE A 153 -7.11 15.66 11.88
CA ILE A 153 -6.25 15.62 10.68
C ILE A 153 -6.78 16.63 9.63
N PRO A 154 -5.91 17.50 9.07
CA PRO A 154 -6.43 18.40 8.02
C PRO A 154 -6.97 17.66 6.82
N ASP A 155 -8.04 18.18 6.24
CA ASP A 155 -8.65 17.51 5.11
C ASP A 155 -7.63 17.21 4.00
N GLU A 156 -6.73 18.14 3.71
CA GLU A 156 -5.82 18.01 2.57
C GLU A 156 -4.84 16.84 2.79
N VAL A 157 -4.52 16.61 4.06
CA VAL A 157 -3.65 15.47 4.44
C VAL A 157 -4.41 14.15 4.31
N GLY A 158 -5.66 14.16 4.79
CA GLY A 158 -6.53 12.97 4.67
C GLY A 158 -6.68 12.57 3.21
N TRP A 159 -7.06 13.53 2.34
CA TRP A 159 -7.20 13.21 0.92
C TRP A 159 -5.91 12.83 0.26
N GLU A 160 -4.84 13.58 0.51
CA GLU A 160 -3.55 13.25 -0.12
C GLU A 160 -3.15 11.79 0.23
N THR A 161 -3.42 11.37 1.47
CA THR A 161 -3.12 10.01 1.91
C THR A 161 -3.91 8.96 1.10
N LEU A 162 -5.20 9.22 0.90
CA LEU A 162 -6.09 8.24 0.29
C LEU A 162 -5.88 8.10 -1.24
N THR A 163 -5.25 9.11 -1.87
CA THR A 163 -4.93 9.12 -3.30
C THR A 163 -4.03 8.01 -3.74
N GLN A 164 -3.38 7.28 -2.81
CA GLN A 164 -2.59 6.14 -3.27
C GLN A 164 -3.48 5.05 -3.87
N LEU A 165 -4.80 5.09 -3.58
CA LEU A 165 -5.69 4.16 -4.31
C LEU A 165 -5.49 4.28 -5.83
N GLY A 166 -5.49 5.51 -6.32
CA GLY A 166 -5.37 5.74 -7.77
C GLY A 166 -4.04 5.20 -8.27
N GLU A 167 -2.96 5.45 -7.52
CA GLU A 167 -1.62 4.93 -7.87
C GLU A 167 -1.63 3.41 -7.99
N LEU A 168 -2.25 2.76 -7.01
CA LEU A 168 -2.24 1.29 -6.97
C LEU A 168 -3.13 0.68 -8.04
N VAL A 169 -4.24 1.35 -8.33
CA VAL A 169 -5.06 0.97 -9.50
C VAL A 169 -4.22 1.04 -10.79
N ALA A 170 -3.55 2.17 -10.99
CA ALA A 170 -2.70 2.40 -12.16
C ALA A 170 -1.61 1.35 -12.29
N ILE A 171 -0.99 1.02 -11.16
CA ILE A 171 0.02 -0.03 -11.10
C ILE A 171 -0.52 -1.37 -11.54
N HIS A 172 -1.72 -1.73 -11.09
CA HIS A 172 -2.27 -3.02 -11.52
C HIS A 172 -2.33 -3.11 -13.03
N ARG A 173 -2.83 -2.03 -13.66
CA ARG A 173 -3.00 -2.03 -15.09
C ARG A 173 -1.64 -2.12 -15.81
N ARG A 174 -0.64 -1.35 -15.35
N ARG A 174 -0.67 -1.35 -15.33
CA ARG A 174 0.72 -1.48 -15.91
CA ARG A 174 0.69 -1.42 -15.86
C ARG A 174 1.24 -2.90 -15.80
C ARG A 174 1.29 -2.84 -15.75
N LYS A 175 1.04 -3.50 -14.63
CA LYS A 175 1.65 -4.78 -14.32
C LYS A 175 0.99 -5.94 -15.06
N TYR A 176 -0.34 -5.94 -15.14
CA TYR A 176 -1.09 -7.09 -15.65
C TYR A 176 -1.84 -6.87 -16.96
N GLY A 177 -2.11 -5.61 -17.29
CA GLY A 177 -2.70 -5.28 -18.57
C GLY A 177 -4.21 -4.97 -18.57
N GLN A 178 -4.89 -5.26 -17.47
CA GLN A 178 -6.33 -4.93 -17.34
C GLN A 178 -6.57 -4.31 -15.96
N GLY A 179 -7.77 -3.75 -15.75
CA GLY A 179 -8.08 -3.01 -14.52
C GLY A 179 -8.15 -3.90 -13.29
N GLY A 180 -7.74 -3.37 -12.13
CA GLY A 180 -7.74 -4.14 -10.90
C GLY A 180 -7.03 -3.40 -9.78
N MET A 181 -6.95 -4.02 -8.60
CA MET A 181 -6.16 -3.43 -7.49
C MET A 181 -5.94 -4.59 -6.54
N ASN A 182 -4.75 -5.17 -6.59
CA ASN A 182 -4.47 -6.34 -5.77
C ASN A 182 -3.46 -6.10 -4.63
N MET A 183 -3.36 -4.85 -4.19
CA MET A 183 -2.55 -4.44 -3.03
C MET A 183 -3.42 -4.08 -1.81
N GLN A 184 -4.53 -4.80 -1.63
CA GLN A 184 -5.46 -4.57 -0.53
C GLN A 184 -4.85 -4.72 0.86
N TRP A 185 -3.80 -5.52 0.99
CA TRP A 185 -3.11 -5.61 2.31
C TRP A 185 -2.55 -4.26 2.71
N TRP A 186 -1.99 -3.56 1.75
CA TRP A 186 -1.38 -2.25 1.96
C TRP A 186 -2.41 -1.17 2.22
N THR A 187 -3.52 -1.18 1.47
CA THR A 187 -4.56 -0.17 1.70
C THR A 187 -5.26 -0.33 3.06
N THR A 188 -5.08 -1.47 3.77
CA THR A 188 -5.61 -1.52 5.15
C THR A 188 -4.95 -0.46 6.03
N TYR A 189 -3.72 -0.06 5.72
CA TYR A 189 -3.06 0.97 6.53
C TYR A 189 -3.77 2.31 6.33
N HIS A 190 -3.99 2.69 5.07
CA HIS A 190 -4.67 3.97 4.80
C HIS A 190 -6.04 3.97 5.40
N LEU A 191 -6.76 2.89 5.18
CA LEU A 191 -8.18 2.78 5.60
C LEU A 191 -8.37 2.67 7.11
N ARG A 192 -7.34 2.25 7.86
CA ARG A 192 -7.44 2.28 9.33
C ARG A 192 -6.92 3.58 9.93
N GLY A 193 -6.55 4.55 9.11
CA GLY A 193 -6.04 5.81 9.65
C GLY A 193 -4.73 5.67 10.43
N ILE A 194 -3.91 4.70 10.05
CA ILE A 194 -2.63 4.53 10.73
C ILE A 194 -1.45 4.93 9.85
N LEU A 195 -1.74 5.33 8.62
CA LEU A 195 -0.73 5.79 7.66
C LEU A 195 -1.16 7.13 7.09
N TYR A 196 -0.21 8.06 6.96
CA TYR A 196 -0.43 9.42 6.44
C TYR A 196 0.65 9.79 5.48
N ARG A 197 0.25 10.38 4.36
CA ARG A 197 1.22 10.95 3.42
C ARG A 197 1.43 12.39 3.79
N LEU A 198 2.69 12.76 4.07
CA LEU A 198 2.99 14.10 4.53
C LEU A 198 3.99 14.68 3.54
N GLY A 199 3.51 15.00 2.35
CA GLY A 199 4.43 15.40 1.28
C GLY A 199 4.93 14.21 0.49
N ARG A 200 6.25 14.15 0.24
CA ARG A 200 6.78 13.13 -0.64
C ARG A 200 6.77 11.73 0.06
N LEU A 201 6.87 11.73 1.39
CA LEU A 201 6.97 10.47 2.15
C LEU A 201 5.66 10.14 2.89
N GLN A 202 5.44 8.85 3.14
CA GLN A 202 4.38 8.39 4.02
C GLN A 202 4.98 7.95 5.35
N PHE A 203 4.19 8.08 6.40
CA PHE A 203 4.60 7.63 7.74
C PHE A 203 3.46 6.85 8.36
N SER A 204 3.78 5.67 8.94
CA SER A 204 2.76 4.90 9.64
C SER A 204 3.08 4.76 11.12
N LEU A 205 2.05 4.78 11.96
CA LEU A 205 2.21 4.45 13.37
C LEU A 205 2.68 3.00 13.44
N ALA A 206 3.76 2.77 14.18
CA ALA A 206 4.33 1.40 14.23
C ALA A 206 4.99 1.19 15.59
N THR A 207 5.27 -0.08 15.92
CA THR A 207 6.01 -0.37 17.15
C THR A 207 7.03 -1.45 16.85
N GLY A 208 8.17 -1.41 17.53
CA GLY A 208 9.14 -2.47 17.36
C GLY A 208 8.72 -3.73 18.11
N LYS A 209 9.54 -4.77 18.02
CA LYS A 209 9.22 -6.03 18.70
C LYS A 209 9.13 -5.85 20.20
N ASP A 210 9.92 -4.92 20.73
CA ASP A 210 9.84 -4.65 22.16
C ASP A 210 8.79 -3.63 22.52
N GLY A 211 7.91 -3.35 21.56
CA GLY A 211 6.82 -2.38 21.74
C GLY A 211 7.14 -0.88 21.65
N THR A 212 8.40 -0.52 21.45
CA THR A 212 8.81 0.88 21.39
C THR A 212 8.17 1.54 20.14
N PRO A 213 7.49 2.69 20.33
CA PRO A 213 6.84 3.33 19.16
C PRO A 213 7.88 3.83 18.20
N HIS A 214 7.60 3.70 16.90
CA HIS A 214 8.34 4.42 15.88
C HIS A 214 7.40 4.80 14.75
N LEU A 215 7.91 5.48 13.74
CA LEU A 215 7.12 5.74 12.52
C LEU A 215 7.71 4.94 11.39
N GLY A 216 6.86 4.16 10.70
CA GLY A 216 7.35 3.41 9.56
C GLY A 216 7.39 4.35 8.35
N LEU A 217 8.53 4.46 7.70
CA LEU A 217 8.61 5.40 6.57
C LEU A 217 8.38 4.64 5.25
N ALA A 218 7.59 5.20 4.33
CA ALA A 218 7.40 4.58 3.01
C ALA A 218 7.43 5.63 1.91
N VAL A 219 7.68 5.20 0.68
CA VAL A 219 7.80 6.12 -0.44
C VAL A 219 6.84 5.69 -1.53
N PRO A 220 5.72 6.42 -1.67
CA PRO A 220 4.77 6.09 -2.74
C PRO A 220 5.38 6.42 -4.10
N GLU A 221 4.92 5.77 -5.16
CA GLU A 221 5.56 5.92 -6.45
C GLU A 221 5.25 7.29 -7.02
N TRP A 222 3.99 7.67 -6.97
CA TRP A 222 3.59 8.96 -7.56
C TRP A 222 4.07 10.14 -6.78
N GLY A 223 4.43 11.20 -7.49
CA GLY A 223 5.01 12.39 -6.85
C GLY A 223 6.41 12.78 -7.32
N GLY A 224 6.95 12.07 -8.31
CA GLY A 224 8.23 12.43 -8.88
C GLY A 224 9.43 11.90 -8.10
N PRO A 225 10.65 12.34 -8.49
CA PRO A 225 11.85 11.81 -7.83
C PRO A 225 11.88 12.12 -6.34
N LEU A 226 12.67 11.33 -5.62
CA LEU A 226 12.84 11.54 -4.19
C LEU A 226 13.88 12.65 -4.00
N LEU A 227 13.52 13.88 -4.37
CA LEU A 227 14.46 15.02 -4.26
C LEU A 227 14.81 15.28 -2.79
N PRO A 228 16.11 15.54 -2.49
CA PRO A 228 16.48 15.84 -1.12
C PRO A 228 15.64 16.89 -0.42
N LYS A 229 15.29 17.98 -1.10
CA LYS A 229 14.48 19.03 -0.46
C LYS A 229 13.07 18.55 -0.10
N ALA A 230 12.52 17.69 -0.94
CA ALA A 230 11.17 17.14 -0.68
C ALA A 230 11.24 16.10 0.43
N TYR A 231 12.26 15.24 0.37
CA TYR A 231 12.50 14.25 1.45
C TYR A 231 12.67 14.96 2.80
N ASP A 232 13.53 15.98 2.85
N ASP A 232 13.51 16.00 2.82
CA ASP A 232 13.78 16.68 4.10
CA ASP A 232 13.76 16.79 4.05
C ASP A 232 12.54 17.38 4.64
C ASP A 232 12.48 17.41 4.61
N GLU A 233 11.73 17.94 3.74
N GLU A 233 11.68 18.00 3.72
CA GLU A 233 10.51 18.60 4.17
CA GLU A 233 10.44 18.60 4.19
C GLU A 233 9.54 17.60 4.82
C GLU A 233 9.56 17.57 4.86
N SER A 234 9.38 16.43 4.22
CA SER A 234 8.55 15.36 4.82
C SER A 234 9.06 14.98 6.18
N LEU A 235 10.37 14.79 6.30
CA LEU A 235 10.92 14.41 7.61
C LEU A 235 10.66 15.46 8.67
N HIS A 236 10.71 16.75 8.31
CA HIS A 236 10.37 17.80 9.26
C HIS A 236 8.92 17.83 9.69
N ARG A 237 8.03 17.29 8.87
N ARG A 237 8.05 17.27 8.85
CA ARG A 237 6.61 17.28 9.22
CA ARG A 237 6.61 17.20 9.08
C ARG A 237 6.21 16.15 10.18
C ARG A 237 6.19 16.12 10.10
N ALA A 238 7.01 15.09 10.23
CA ALA A 238 6.60 13.87 10.93
C ALA A 238 6.33 14.06 12.44
N ARG A 239 7.31 14.48 13.22
CA ARG A 239 7.01 14.66 14.64
C ARG A 239 5.91 15.64 14.95
N PRO A 240 5.94 16.85 14.35
CA PRO A 240 4.83 17.77 14.63
C PRO A 240 3.46 17.17 14.32
N PHE A 241 3.35 16.45 13.20
CA PHE A 241 2.07 15.87 12.86
C PHE A 241 1.62 14.80 13.89
N PHE A 242 2.46 13.81 14.14
CA PHE A 242 2.06 12.74 15.06
C PHE A 242 1.96 13.20 16.51
N ASP A 243 2.81 14.13 16.91
CA ASP A 243 2.74 14.62 18.28
C ASP A 243 1.48 15.45 18.49
N ARG A 244 1.00 16.11 17.44
CA ARG A 244 -0.29 16.81 17.55
C ARG A 244 -1.49 15.89 17.53
N HIS A 245 -1.58 14.99 16.56
CA HIS A 245 -2.81 14.20 16.39
C HIS A 245 -2.79 12.85 17.06
N PHE A 246 -1.61 12.30 17.31
CA PHE A 246 -1.46 11.00 18.02
C PHE A 246 -0.44 11.16 19.16
N PRO A 247 -0.72 12.07 20.10
CA PRO A 247 0.26 12.40 21.13
C PRO A 247 0.62 11.19 22.00
N GLU A 248 -0.28 10.21 22.10
CA GLU A 248 0.00 9.01 22.93
C GLU A 248 1.09 8.14 22.29
N HIS A 249 1.42 8.39 21.01
CA HIS A 249 2.41 7.51 20.33
C HIS A 249 3.84 7.80 20.74
N GLY A 250 4.30 9.01 20.45
CA GLY A 250 5.61 9.52 20.93
C GLY A 250 6.85 8.95 20.27
N ALA A 251 6.79 8.63 18.98
CA ALA A 251 7.96 8.11 18.27
C ALA A 251 9.04 9.17 18.18
N ARG A 252 10.30 8.74 18.26
CA ARG A 252 11.44 9.65 18.03
C ARG A 252 12.25 9.31 16.78
N VAL A 253 11.94 8.14 16.20
N VAL A 253 12.05 8.11 16.23
CA VAL A 253 12.71 7.55 15.12
CA VAL A 253 12.80 7.73 15.02
C VAL A 253 11.83 7.07 13.96
C VAL A 253 11.89 7.10 13.97
N ALA A 254 12.34 7.19 12.73
CA ALA A 254 11.70 6.54 11.59
C ALA A 254 12.52 5.33 11.17
N TRP A 255 11.80 4.24 10.88
CA TRP A 255 12.40 3.02 10.41
CA TRP A 255 12.36 2.96 10.43
C TRP A 255 11.95 2.73 9.02
N GLY A 256 12.81 2.09 8.24
CA GLY A 256 12.45 1.68 6.88
C GLY A 256 13.14 0.37 6.55
N SER A 257 12.47 -0.51 5.79
CA SER A 257 13.10 -1.69 5.20
C SER A 257 12.86 -1.57 3.72
N SER A 258 13.91 -1.61 2.91
CA SER A 258 13.68 -1.36 1.50
C SER A 258 14.80 -1.87 0.65
N TRP A 259 14.47 -2.21 -0.60
CA TRP A 259 15.48 -2.41 -1.64
C TRP A 259 16.41 -1.20 -1.77
N MET A 260 15.91 0.00 -1.46
CA MET A 260 16.75 1.15 -1.78
CA MET A 260 16.62 1.28 -1.65
C MET A 260 17.81 1.46 -0.71
N LEU A 261 17.77 0.73 0.40
CA LEU A 261 18.78 0.85 1.44
C LEU A 261 19.94 -0.14 1.23
N ASP A 262 19.88 -0.94 0.15
CA ASP A 262 20.93 -1.90 -0.15
C ASP A 262 22.21 -1.16 -0.59
N PRO A 263 23.28 -1.25 0.22
CA PRO A 263 24.55 -0.58 -0.17
C PRO A 263 25.11 -1.08 -1.51
N GLN A 264 24.67 -2.25 -1.98
CA GLN A 264 25.14 -2.70 -3.30
C GLN A 264 24.82 -1.76 -4.47
N LEU A 265 23.81 -0.92 -4.32
CA LEU A 265 23.46 0.06 -5.34
C LEU A 265 24.62 1.01 -5.67
N GLU A 266 25.54 1.19 -4.73
CA GLU A 266 26.66 2.14 -4.88
C GLU A 266 27.64 1.65 -5.95
N GLU A 267 27.61 0.36 -6.25
CA GLU A 267 28.40 -0.15 -7.38
C GLU A 267 27.91 0.39 -8.74
N TYR A 268 26.63 0.81 -8.82
CA TYR A 268 25.99 1.05 -10.12
C TYR A 268 25.43 2.45 -10.30
N LEU A 269 24.95 3.06 -9.22
CA LEU A 269 24.35 4.41 -9.30
C LEU A 269 25.40 5.49 -9.08
N THR A 270 25.17 6.65 -9.66
CA THR A 270 26.17 7.71 -9.55
C THR A 270 25.87 8.64 -8.38
N GLU A 271 26.74 9.62 -8.19
CA GLU A 271 26.59 10.55 -7.10
C GLU A 271 25.37 11.46 -7.29
N ASP A 272 24.87 11.53 -8.51
CA ASP A 272 23.72 12.37 -8.77
C ASP A 272 22.42 11.62 -8.39
N SER A 273 22.54 10.35 -7.98
CA SER A 273 21.35 9.54 -7.61
C SER A 273 20.77 10.04 -6.28
N ASN A 274 19.45 10.27 -6.25
CA ASN A 274 18.82 10.69 -4.99
C ASN A 274 18.96 9.59 -3.92
N ILE A 275 18.79 8.33 -4.33
CA ILE A 275 18.87 7.18 -3.38
C ILE A 275 20.26 7.16 -2.73
N ILE A 276 21.30 7.32 -3.54
CA ILE A 276 22.66 7.28 -3.00
C ILE A 276 22.91 8.43 -2.03
N GLN A 277 22.50 9.64 -2.39
CA GLN A 277 22.71 10.78 -1.50
C GLN A 277 21.97 10.62 -0.19
N LEU A 278 20.71 10.18 -0.25
CA LEU A 278 19.88 10.15 0.95
C LEU A 278 20.14 8.92 1.83
N ALA A 279 20.50 7.80 1.22
CA ALA A 279 20.81 6.59 2.01
C ALA A 279 21.96 6.84 2.96
N ARG A 280 22.83 7.79 2.61
CA ARG A 280 23.99 8.10 3.45
C ARG A 280 23.59 8.63 4.83
N PHE A 281 22.36 9.14 4.96
CA PHE A 281 21.88 9.57 6.27
C PHE A 281 21.36 8.44 7.15
N TRP A 282 21.13 7.26 6.57
CA TRP A 282 20.52 6.14 7.30
C TRP A 282 21.54 5.29 8.04
N THR A 283 21.13 4.73 9.16
CA THR A 283 21.98 3.79 9.94
C THR A 283 21.37 2.41 9.76
N LEU A 284 22.07 1.51 9.09
CA LEU A 284 21.55 0.17 8.84
C LEU A 284 21.74 -0.71 10.06
N THR A 285 20.69 -1.45 10.41
CA THR A 285 20.67 -2.15 11.70
C THR A 285 20.60 -3.66 11.55
N ASP A 286 20.39 -4.16 10.34
CA ASP A 286 20.44 -5.60 10.09
C ASP A 286 21.88 -5.99 9.69
N SER A 287 22.19 -7.26 9.86
CA SER A 287 23.47 -7.81 9.44
C SER A 287 23.63 -7.79 7.93
N ALA A 288 24.89 -7.69 7.47
CA ALA A 288 25.19 -7.84 6.06
C ALA A 288 24.62 -9.19 5.63
N PRO A 289 23.69 -9.20 4.64
CA PRO A 289 23.00 -10.43 4.28
C PRO A 289 23.94 -11.45 3.63
N GLU A 290 23.57 -12.73 3.68
CA GLU A 290 24.30 -13.75 2.94
C GLU A 290 24.23 -13.47 1.44
N PRO A 291 25.36 -13.57 0.74
CA PRO A 291 25.43 -13.30 -0.71
C PRO A 291 24.46 -14.15 -1.53
N GLY A 292 24.27 -15.40 -1.11
CA GLY A 292 23.41 -16.32 -1.85
C GLY A 292 21.93 -16.20 -1.52
N ASN A 293 21.57 -15.36 -0.55
CA ASN A 293 20.16 -15.18 -0.20
C ASN A 293 19.39 -14.40 -1.29
N ALA A 294 18.43 -15.06 -1.94
CA ALA A 294 17.68 -14.48 -3.06
C ALA A 294 16.34 -13.82 -2.66
N ASP A 295 16.04 -13.73 -1.36
CA ASP A 295 14.75 -13.21 -0.87
C ASP A 295 14.44 -11.75 -1.23
N GLY A 296 15.44 -10.98 -1.66
CA GLY A 296 15.25 -9.55 -1.92
C GLY A 296 15.15 -9.21 -3.38
N ASP A 297 15.42 -10.19 -4.25
CA ASP A 297 15.31 -9.96 -5.68
C ASP A 297 13.89 -9.60 -6.13
N SER A 298 12.89 -10.24 -5.53
CA SER A 298 11.51 -10.01 -5.97
C SER A 298 11.05 -8.57 -5.62
N SER A 299 11.55 -8.03 -4.53
CA SER A 299 11.18 -6.67 -4.10
C SER A 299 11.71 -5.62 -5.08
N ILE A 300 13.01 -5.68 -5.38
CA ILE A 300 13.58 -4.70 -6.28
C ILE A 300 12.94 -4.83 -7.68
N LEU A 301 12.65 -6.06 -8.11
CA LEU A 301 12.04 -6.26 -9.43
C LEU A 301 10.61 -5.72 -9.46
N GLU A 302 9.88 -5.89 -8.36
CA GLU A 302 8.53 -5.27 -8.23
C GLU A 302 8.65 -3.75 -8.35
N PHE A 303 9.50 -3.14 -7.52
CA PHE A 303 9.49 -1.68 -7.52
C PHE A 303 10.12 -0.98 -8.68
N VAL A 304 11.06 -1.65 -9.36
CA VAL A 304 11.70 -1.05 -10.53
C VAL A 304 10.96 -1.37 -11.83
N PHE A 305 10.40 -2.57 -11.93
CA PHE A 305 9.81 -3.03 -13.19
C PHE A 305 8.34 -3.47 -13.08
N ARG A 306 7.82 -3.58 -11.86
CA ARG A 306 6.50 -4.19 -11.60
C ARG A 306 6.53 -5.54 -12.29
N TYR A 307 7.55 -6.30 -11.92
CA TYR A 307 7.90 -7.55 -12.57
C TYR A 307 6.75 -8.56 -12.54
N ASN A 308 6.43 -9.13 -13.69
CA ASN A 308 5.45 -10.21 -13.75
C ASN A 308 5.97 -11.42 -14.53
N GLY A 309 7.22 -11.81 -14.24
CA GLY A 309 7.79 -13.07 -14.71
C GLY A 309 8.32 -13.06 -16.13
N GLN A 310 8.44 -11.89 -16.75
CA GLN A 310 8.95 -11.82 -18.11
C GLN A 310 10.46 -12.07 -18.19
N PRO A 311 10.95 -12.54 -19.36
CA PRO A 311 12.39 -12.81 -19.50
C PRO A 311 13.20 -11.55 -19.19
N LEU A 312 14.20 -11.69 -18.33
CA LEU A 312 14.99 -10.54 -17.87
C LEU A 312 15.45 -9.60 -18.97
N ASP A 313 15.93 -10.12 -20.10
CA ASP A 313 16.38 -9.22 -21.16
C ASP A 313 15.25 -8.63 -22.03
N GLU A 314 13.99 -8.93 -21.69
CA GLU A 314 12.87 -8.19 -22.27
C GLU A 314 12.51 -6.95 -21.45
N LEU A 315 13.03 -6.87 -20.23
CA LEU A 315 12.73 -5.73 -19.36
C LEU A 315 13.42 -4.49 -19.88
N PRO A 316 12.79 -3.31 -19.70
CA PRO A 316 13.44 -2.09 -20.20
C PRO A 316 14.80 -1.80 -19.54
N GLN A 317 15.59 -0.98 -20.22
CA GLN A 317 16.96 -0.66 -19.81
C GLN A 317 17.26 0.81 -20.05
N ARG A 318 16.24 1.66 -19.96
CA ARG A 318 16.43 3.08 -20.22
C ARG A 318 17.12 3.90 -19.10
N SER A 319 16.97 3.49 -17.82
CA SER A 319 17.62 4.23 -16.71
C SER A 319 18.82 3.48 -16.15
N SER A 320 19.70 4.21 -15.47
CA SER A 320 20.84 3.55 -14.82
C SER A 320 20.42 2.46 -13.83
N LEU A 321 19.32 2.66 -13.10
CA LEU A 321 18.85 1.66 -12.16
C LEU A 321 18.29 0.40 -12.85
N GLU A 322 17.53 0.58 -13.93
CA GLU A 322 17.04 -0.56 -14.71
C GLU A 322 18.24 -1.40 -15.18
N ARG A 323 19.27 -0.74 -15.68
CA ARG A 323 20.50 -1.42 -16.12
C ARG A 323 21.18 -2.15 -14.95
N ALA A 324 21.27 -1.48 -13.80
CA ALA A 324 21.87 -2.03 -12.61
C ALA A 324 21.18 -3.27 -12.10
N VAL A 325 19.84 -3.23 -11.98
CA VAL A 325 19.17 -4.39 -11.41
C VAL A 325 19.48 -5.63 -12.25
N ILE A 326 19.41 -5.49 -13.56
CA ILE A 326 19.56 -6.64 -14.48
C ILE A 326 21.02 -7.14 -14.54
N ALA A 327 21.95 -6.19 -14.73
CA ALA A 327 23.39 -6.51 -14.69
C ALA A 327 23.76 -7.33 -13.47
N HIS A 328 23.37 -6.86 -12.29
CA HIS A 328 23.66 -7.55 -11.04
C HIS A 328 23.11 -8.96 -10.98
N LEU A 329 21.85 -9.12 -11.39
CA LEU A 329 21.24 -10.46 -11.47
C LEU A 329 21.92 -11.34 -12.54
N LYS A 330 22.20 -10.78 -13.72
CA LYS A 330 22.90 -11.54 -14.76
C LYS A 330 24.26 -12.06 -14.26
N ALA A 331 24.91 -11.30 -13.39
CA ALA A 331 26.23 -11.63 -12.87
C ALA A 331 26.17 -12.75 -11.85
N GLY A 332 24.97 -13.23 -11.54
CA GLY A 332 24.81 -14.27 -10.54
C GLY A 332 24.69 -13.74 -9.13
N ARG A 333 24.49 -12.42 -8.99
CA ARG A 333 24.45 -11.80 -7.67
C ARG A 333 23.00 -11.44 -7.26
N HIS A 334 22.80 -11.07 -5.99
CA HIS A 334 21.45 -10.86 -5.45
C HIS A 334 21.29 -9.52 -4.76
N TRP A 335 20.05 -9.01 -4.79
CA TRP A 335 19.67 -7.75 -4.17
C TRP A 335 19.02 -8.04 -2.84
N HIS A 336 19.26 -7.20 -1.82
CA HIS A 336 18.76 -7.46 -0.48
C HIS A 336 18.02 -6.29 0.08
N MET A 337 16.87 -6.54 0.67
CA MET A 337 16.20 -5.50 1.45
C MET A 337 17.02 -5.22 2.70
N ARG A 338 17.27 -3.96 3.00
CA ARG A 338 18.02 -3.63 4.20
C ARG A 338 17.13 -2.77 5.09
N THR A 339 17.39 -2.81 6.39
CA THR A 339 16.61 -2.11 7.39
C THR A 339 17.49 -1.09 8.08
N GLY A 340 16.95 0.10 8.30
CA GLY A 340 17.67 1.13 9.02
C GLY A 340 16.74 2.15 9.62
N PHE A 341 17.32 3.17 10.26
CA PHE A 341 16.54 4.23 10.89
C PHE A 341 17.20 5.58 10.64
N VAL A 342 16.41 6.64 10.79
CA VAL A 342 16.93 8.00 10.92
C VAL A 342 16.18 8.60 12.08
N LYS A 343 16.85 9.43 12.87
CA LYS A 343 16.16 10.16 13.95
C LYS A 343 15.23 11.24 13.36
N LEU A 344 14.02 11.37 13.90
CA LEU A 344 13.10 12.41 13.42
C LEU A 344 13.55 13.79 13.89
N PRO A 345 13.64 14.76 12.97
CA PRO A 345 14.00 16.14 13.36
C PRO A 345 12.98 16.70 14.34
#